data_1K68
#
_entry.id   1K68
#
_cell.length_a   76.700
_cell.length_b   85.160
_cell.length_c   44.050
_cell.angle_alpha   90.00
_cell.angle_beta   90.00
_cell.angle_gamma   90.00
#
_symmetry.space_group_name_H-M   'P 21 21 2'
#
loop_
_entity.id
_entity.type
_entity.pdbx_description
1 polymer 'Phytochrome Response Regulator RcpA'
2 non-polymer 'MAGNESIUM ION'
3 water water
#
_entity_poly.entity_id   1
_entity_poly.type   'polypeptide(L)'
_entity_poly.pdbx_seq_one_letter_code
;AHKKIFLVEDNKADIRLIQEALANSTVPHEVVTVRDGMEAMAYLRQEGEYANASRPDLILL(PHD)LNLPKKDGREVLAE
IKSDPTLKRIPVVVLSTSINEDDIFHSYDLHVNCYITKSANLSQLFQIVKGIEEFWLSTATLPS
;
_entity_poly.pdbx_strand_id   A,B
#
# COMPACT_ATOMS: atom_id res chain seq x y z
N ALA A 1 10.90 -14.04 -19.70
CA ALA A 1 9.56 -14.68 -19.61
C ALA A 1 8.70 -14.05 -18.54
N HIS A 2 8.14 -12.88 -18.84
CA HIS A 2 7.30 -12.18 -17.88
C HIS A 2 5.91 -11.91 -18.45
N LYS A 3 4.90 -12.03 -17.60
CA LYS A 3 3.53 -11.81 -18.01
C LYS A 3 3.13 -10.37 -17.70
N LYS A 4 2.29 -9.78 -18.55
CA LYS A 4 1.84 -8.42 -18.32
C LYS A 4 0.40 -8.38 -17.81
N ILE A 5 0.17 -7.55 -16.79
CA ILE A 5 -1.14 -7.39 -16.20
C ILE A 5 -1.60 -5.96 -16.45
N PHE A 6 -2.78 -5.83 -17.03
CA PHE A 6 -3.36 -4.52 -17.33
C PHE A 6 -4.45 -4.22 -16.30
N LEU A 7 -4.19 -3.25 -15.45
CA LEU A 7 -5.11 -2.83 -14.41
C LEU A 7 -5.81 -1.55 -14.80
N VAL A 8 -7.13 -1.64 -14.97
CA VAL A 8 -7.97 -0.50 -15.33
C VAL A 8 -8.70 -0.13 -14.04
N GLU A 9 -8.21 0.91 -13.36
CA GLU A 9 -8.74 1.36 -12.08
C GLU A 9 -8.37 2.82 -11.81
N ASP A 10 -9.26 3.59 -11.18
CA ASP A 10 -8.95 5.00 -10.91
C ASP A 10 -8.65 5.30 -9.43
N ASN A 11 -9.13 4.45 -8.52
CA ASN A 11 -8.90 4.66 -7.10
C ASN A 11 -7.41 4.47 -6.77
N LYS A 12 -6.72 5.58 -6.48
CA LYS A 12 -5.29 5.51 -6.17
C LYS A 12 -4.99 4.60 -4.99
N ALA A 13 -5.88 4.57 -4.01
CA ALA A 13 -5.67 3.72 -2.86
C ALA A 13 -5.65 2.27 -3.29
N ASP A 14 -6.65 1.87 -4.07
CA ASP A 14 -6.74 0.50 -4.55
C ASP A 14 -5.60 0.19 -5.51
N ILE A 15 -5.25 1.17 -6.34
CA ILE A 15 -4.16 0.99 -7.27
C ILE A 15 -2.91 0.65 -6.49
N ARG A 16 -2.66 1.39 -5.42
CA ARG A 16 -1.49 1.17 -4.59
C ARG A 16 -1.49 -0.26 -4.06
N LEU A 17 -2.56 -0.61 -3.35
CA LEU A 17 -2.69 -1.93 -2.75
C LEU A 17 -2.56 -3.06 -3.77
N ILE A 18 -3.31 -2.95 -4.86
CA ILE A 18 -3.25 -3.96 -5.92
C ILE A 18 -1.83 -4.10 -6.44
N GLN A 19 -1.14 -2.98 -6.68
CA GLN A 19 0.23 -3.03 -7.16
C GLN A 19 1.17 -3.65 -6.14
N GLU A 20 0.89 -3.43 -4.86
CA GLU A 20 1.71 -3.99 -3.78
C GLU A 20 1.54 -5.50 -3.67
N ALA A 21 0.30 -5.94 -3.79
CA ALA A 21 0.00 -7.36 -3.70
C ALA A 21 0.62 -8.11 -4.88
N LEU A 22 0.49 -7.56 -6.08
CA LEU A 22 1.07 -8.20 -7.26
C LEU A 22 2.59 -8.18 -7.25
N ALA A 23 3.15 -7.20 -6.54
CA ALA A 23 4.60 -7.07 -6.45
C ALA A 23 5.20 -8.17 -5.58
N ASN A 24 4.40 -8.72 -4.67
CA ASN A 24 4.88 -9.78 -3.79
C ASN A 24 4.62 -11.16 -4.37
N SER A 25 4.64 -11.26 -5.69
CA SER A 25 4.41 -12.51 -6.38
C SER A 25 5.69 -13.35 -6.36
N THR A 26 5.56 -14.65 -6.56
CA THR A 26 6.70 -15.56 -6.57
C THR A 26 7.45 -15.45 -7.89
N VAL A 27 6.84 -14.77 -8.85
CA VAL A 27 7.44 -14.56 -10.17
C VAL A 27 7.14 -13.14 -10.62
N PRO A 28 8.18 -12.34 -10.89
CA PRO A 28 8.01 -10.95 -11.32
C PRO A 28 7.08 -10.79 -12.54
N HIS A 29 6.21 -9.79 -12.47
CA HIS A 29 5.26 -9.50 -13.55
C HIS A 29 5.35 -8.03 -13.90
N GLU A 30 4.76 -7.65 -15.03
CA GLU A 30 4.75 -6.25 -15.41
C GLU A 30 3.33 -5.75 -15.25
N VAL A 31 3.16 -4.68 -14.48
CA VAL A 31 1.84 -4.13 -14.26
C VAL A 31 1.68 -2.76 -14.88
N VAL A 32 0.77 -2.65 -15.84
CA VAL A 32 0.51 -1.39 -16.49
C VAL A 32 -0.86 -0.94 -16.05
N THR A 33 -0.93 0.27 -15.51
CA THR A 33 -2.18 0.82 -14.99
C THR A 33 -2.67 2.05 -15.74
N VAL A 34 -3.93 2.00 -16.20
CA VAL A 34 -4.54 3.16 -16.85
C VAL A 34 -5.75 3.47 -15.96
N ARG A 35 -6.15 4.73 -15.93
CA ARG A 35 -7.22 5.17 -15.04
C ARG A 35 -8.62 5.47 -15.55
N ASP A 36 -8.90 5.18 -16.81
CA ASP A 36 -10.25 5.39 -17.33
C ASP A 36 -10.54 4.44 -18.47
N GLY A 37 -11.82 4.24 -18.75
CA GLY A 37 -12.22 3.33 -19.81
C GLY A 37 -11.66 3.70 -21.18
N MET A 38 -11.62 5.00 -21.46
CA MET A 38 -11.10 5.47 -22.73
C MET A 38 -9.67 5.01 -22.95
N GLU A 39 -8.79 5.33 -22.00
CA GLU A 39 -7.39 4.93 -22.11
C GLU A 39 -7.31 3.42 -22.22
N ALA A 40 -8.18 2.76 -21.47
CA ALA A 40 -8.20 1.30 -21.48
C ALA A 40 -8.34 0.76 -22.90
N MET A 41 -9.38 1.20 -23.59
CA MET A 41 -9.61 0.72 -24.95
C MET A 41 -8.51 1.16 -25.92
N ALA A 42 -8.06 2.40 -25.79
CA ALA A 42 -7.00 2.89 -26.68
C ALA A 42 -5.77 2.01 -26.53
N TYR A 43 -5.41 1.70 -25.28
CA TYR A 43 -4.25 0.86 -25.00
C TYR A 43 -4.41 -0.53 -25.58
N LEU A 44 -5.58 -1.14 -25.37
CA LEU A 44 -5.82 -2.49 -25.86
C LEU A 44 -5.89 -2.56 -27.39
N ARG A 45 -6.36 -1.50 -28.03
CA ARG A 45 -6.43 -1.49 -29.49
C ARG A 45 -5.14 -0.92 -30.06
N GLN A 46 -4.15 -0.72 -29.20
CA GLN A 46 -2.86 -0.17 -29.63
C GLN A 46 -3.04 1.04 -30.53
N GLU A 47 -3.82 2.01 -30.06
CA GLU A 47 -4.10 3.22 -30.81
C GLU A 47 -3.31 4.42 -30.28
N GLY A 48 -2.65 5.13 -31.19
CA GLY A 48 -1.89 6.30 -30.79
C GLY A 48 -0.58 5.97 -30.09
N GLU A 49 -0.28 6.70 -29.02
CA GLU A 49 0.94 6.48 -28.26
C GLU A 49 1.10 5.01 -27.88
N TYR A 50 -0.02 4.33 -27.68
CA TYR A 50 -0.01 2.93 -27.31
C TYR A 50 0.20 2.07 -28.55
N ALA A 51 0.92 2.62 -29.52
CA ALA A 51 1.18 1.90 -30.75
C ALA A 51 1.92 0.58 -30.58
N ASN A 52 2.97 0.57 -29.75
CA ASN A 52 3.74 -0.64 -29.55
C ASN A 52 3.50 -1.35 -28.21
N ALA A 53 2.57 -0.84 -27.42
CA ALA A 53 2.25 -1.47 -26.13
C ALA A 53 1.80 -2.91 -26.38
N SER A 54 2.57 -3.86 -25.87
CA SER A 54 2.26 -5.28 -26.07
C SER A 54 0.96 -5.68 -25.38
N ARG A 55 0.32 -6.72 -25.90
CA ARG A 55 -0.94 -7.23 -25.37
C ARG A 55 -0.79 -7.77 -23.96
N PRO A 56 -1.70 -7.38 -23.05
CA PRO A 56 -1.59 -7.91 -21.69
C PRO A 56 -2.01 -9.38 -21.63
N ASP A 57 -1.52 -10.10 -20.65
CA ASP A 57 -1.88 -11.50 -20.51
C ASP A 57 -3.10 -11.62 -19.60
N LEU A 58 -3.31 -10.60 -18.76
CA LEU A 58 -4.44 -10.59 -17.84
C LEU A 58 -4.95 -9.17 -17.61
N ILE A 59 -6.26 -9.00 -17.66
CA ILE A 59 -6.85 -7.70 -17.41
C ILE A 59 -7.66 -7.72 -16.12
N LEU A 60 -7.38 -6.75 -15.25
CA LEU A 60 -8.13 -6.60 -14.00
C LEU A 60 -8.95 -5.36 -14.25
N LEU A 61 -10.27 -5.52 -14.25
CA LEU A 61 -11.15 -4.43 -14.56
C LEU A 61 -12.09 -3.94 -13.47
N LEU A 63 -15.20 -1.49 -12.37
CA LEU A 63 -16.41 -1.12 -13.11
C LEU A 63 -16.73 0.38 -13.18
N ASN A 64 -16.81 1.04 -12.02
CA ASN A 64 -17.14 2.47 -11.98
C ASN A 64 -15.96 3.34 -12.41
N LEU A 65 -15.72 3.39 -13.71
CA LEU A 65 -14.63 4.17 -14.26
C LEU A 65 -15.05 5.48 -14.90
N PRO A 66 -14.15 6.46 -14.90
CA PRO A 66 -14.39 7.79 -15.49
C PRO A 66 -14.32 7.69 -17.01
N LYS A 67 -15.05 8.58 -17.67
CA LYS A 67 -15.10 8.64 -19.14
C LYS A 67 -15.90 7.50 -19.76
N LYS A 68 -15.44 6.28 -19.56
CA LYS A 68 -16.10 5.11 -20.10
C LYS A 68 -16.02 4.06 -19.00
N ASP A 69 -17.16 3.55 -18.55
CA ASP A 69 -17.13 2.58 -17.47
C ASP A 69 -16.71 1.18 -17.88
N GLY A 70 -16.40 0.37 -16.86
CA GLY A 70 -15.97 -0.99 -17.07
C GLY A 70 -16.97 -1.86 -17.79
N ARG A 71 -18.26 -1.61 -17.55
CA ARG A 71 -19.31 -2.39 -18.22
C ARG A 71 -19.15 -2.26 -19.72
N GLU A 72 -18.88 -1.05 -20.18
CA GLU A 72 -18.68 -0.80 -21.61
C GLU A 72 -17.36 -1.37 -22.09
N VAL A 73 -16.32 -1.23 -21.29
CA VAL A 73 -15.03 -1.77 -21.67
C VAL A 73 -15.15 -3.30 -21.82
N LEU A 74 -15.80 -3.95 -20.86
CA LEU A 74 -15.97 -5.39 -20.91
C LEU A 74 -16.69 -5.83 -22.18
N ALA A 75 -17.84 -5.21 -22.44
CA ALA A 75 -18.63 -5.53 -23.61
C ALA A 75 -17.83 -5.39 -24.92
N GLU A 76 -17.05 -4.31 -25.02
CA GLU A 76 -16.26 -4.09 -26.23
C GLU A 76 -15.09 -5.06 -26.38
N ILE A 77 -14.48 -5.44 -25.26
CA ILE A 77 -13.36 -6.37 -25.29
C ILE A 77 -13.81 -7.78 -25.68
N LYS A 78 -14.81 -8.31 -24.96
CA LYS A 78 -15.31 -9.66 -25.21
C LYS A 78 -16.07 -9.84 -26.51
N SER A 79 -16.29 -8.75 -27.23
CA SER A 79 -17.00 -8.81 -28.49
C SER A 79 -15.98 -8.69 -29.64
N ASP A 80 -14.80 -8.18 -29.32
CA ASP A 80 -13.74 -8.02 -30.31
C ASP A 80 -13.13 -9.36 -30.70
N PRO A 81 -13.06 -9.65 -32.01
CA PRO A 81 -12.50 -10.91 -32.51
C PRO A 81 -11.14 -11.29 -31.94
N THR A 82 -10.30 -10.32 -31.63
CA THR A 82 -8.98 -10.63 -31.09
C THR A 82 -8.77 -10.43 -29.59
N LEU A 83 -9.41 -9.41 -29.02
CA LEU A 83 -9.23 -9.13 -27.60
C LEU A 83 -10.07 -10.02 -26.70
N LYS A 84 -11.10 -10.63 -27.26
CA LYS A 84 -11.98 -11.47 -26.47
C LYS A 84 -11.33 -12.65 -25.78
N ARG A 85 -10.14 -13.06 -26.24
CA ARG A 85 -9.47 -14.19 -25.60
C ARG A 85 -8.67 -13.78 -24.38
N ILE A 86 -8.44 -12.49 -24.21
CA ILE A 86 -7.69 -12.01 -23.06
C ILE A 86 -8.56 -12.18 -21.82
N PRO A 87 -8.04 -12.89 -20.81
CA PRO A 87 -8.85 -13.08 -19.59
C PRO A 87 -9.09 -11.77 -18.87
N VAL A 88 -10.36 -11.50 -18.57
CA VAL A 88 -10.72 -10.29 -17.85
C VAL A 88 -11.29 -10.69 -16.50
N VAL A 89 -10.73 -10.10 -15.44
CA VAL A 89 -11.22 -10.34 -14.09
C VAL A 89 -11.76 -9.03 -13.58
N VAL A 90 -13.08 -8.94 -13.43
CA VAL A 90 -13.64 -7.72 -12.89
C VAL A 90 -13.40 -7.74 -11.39
N LEU A 91 -12.79 -6.68 -10.88
CA LEU A 91 -12.49 -6.52 -9.45
C LEU A 91 -13.12 -5.18 -9.13
N SER A 92 -14.23 -5.22 -8.40
CA SER A 92 -14.96 -4.01 -8.11
C SER A 92 -15.60 -3.98 -6.72
N THR A 93 -15.88 -2.77 -6.25
CA THR A 93 -16.52 -2.58 -4.95
C THR A 93 -18.00 -2.94 -5.10
N SER A 94 -18.48 -2.94 -6.32
CA SER A 94 -19.89 -3.24 -6.56
C SER A 94 -20.38 -4.64 -6.23
N ILE A 95 -21.44 -4.69 -5.44
CA ILE A 95 -22.07 -5.94 -5.06
C ILE A 95 -23.45 -5.91 -5.72
N ASN A 96 -23.65 -4.96 -6.62
CA ASN A 96 -24.93 -4.82 -7.33
C ASN A 96 -25.24 -6.09 -8.13
N GLU A 97 -26.39 -6.69 -7.86
CA GLU A 97 -26.77 -7.90 -8.56
C GLU A 97 -26.81 -7.76 -10.09
N ASP A 98 -27.24 -6.61 -10.59
CA ASP A 98 -27.30 -6.42 -12.05
C ASP A 98 -25.91 -6.41 -12.66
N ASP A 99 -24.95 -5.84 -11.93
CA ASP A 99 -23.58 -5.79 -12.43
C ASP A 99 -23.01 -7.20 -12.50
N ILE A 100 -23.34 -8.03 -11.51
CA ILE A 100 -22.83 -9.39 -11.49
C ILE A 100 -23.39 -10.18 -12.67
N PHE A 101 -24.70 -10.17 -12.82
CA PHE A 101 -25.35 -10.89 -13.90
C PHE A 101 -24.87 -10.40 -15.26
N HIS A 102 -24.89 -9.09 -15.46
CA HIS A 102 -24.49 -8.55 -16.75
C HIS A 102 -23.05 -8.89 -17.09
N SER A 103 -22.15 -8.77 -16.13
CA SER A 103 -20.74 -9.07 -16.39
C SER A 103 -20.55 -10.50 -16.86
N TYR A 104 -21.18 -11.46 -16.19
CA TYR A 104 -21.00 -12.84 -16.63
C TYR A 104 -21.67 -13.05 -17.97
N ASP A 105 -22.80 -12.39 -18.18
CA ASP A 105 -23.53 -12.54 -19.43
C ASP A 105 -22.71 -12.00 -20.60
N LEU A 106 -21.85 -11.00 -20.33
CA LEU A 106 -21.01 -10.42 -21.37
C LEU A 106 -19.73 -11.23 -21.58
N HIS A 107 -19.62 -12.33 -20.83
CA HIS A 107 -18.48 -13.24 -20.89
C HIS A 107 -17.26 -12.87 -20.08
N VAL A 108 -17.44 -12.13 -19.00
CA VAL A 108 -16.28 -11.79 -18.15
C VAL A 108 -15.80 -13.18 -17.69
N ASN A 109 -14.50 -13.34 -17.48
CA ASN A 109 -14.00 -14.63 -17.04
C ASN A 109 -14.34 -14.85 -15.57
N CYS A 110 -14.27 -13.79 -14.78
CA CYS A 110 -14.56 -13.88 -13.36
C CYS A 110 -14.91 -12.52 -12.76
N TYR A 111 -15.74 -12.55 -11.72
CA TYR A 111 -16.16 -11.33 -11.05
C TYR A 111 -15.77 -11.42 -9.57
N ILE A 112 -15.07 -10.41 -9.07
CA ILE A 112 -14.68 -10.40 -7.67
C ILE A 112 -14.99 -9.06 -7.04
N THR A 113 -15.59 -9.11 -5.84
CA THR A 113 -15.94 -7.88 -5.14
C THR A 113 -14.81 -7.52 -4.19
N LYS A 114 -14.44 -6.25 -4.17
CA LYS A 114 -13.37 -5.79 -3.31
C LYS A 114 -13.82 -5.91 -1.84
N SER A 115 -12.97 -6.53 -1.02
CA SER A 115 -13.29 -6.72 0.39
C SER A 115 -13.35 -5.35 1.08
N ALA A 116 -14.02 -5.30 2.23
CA ALA A 116 -14.13 -4.08 3.01
C ALA A 116 -12.85 -3.93 3.83
N ASN A 117 -12.23 -5.06 4.14
CA ASN A 117 -11.00 -5.13 4.92
C ASN A 117 -9.78 -5.16 4.00
N LEU A 118 -8.95 -4.13 4.09
CA LEU A 118 -7.75 -4.02 3.26
C LEU A 118 -6.91 -5.30 3.21
N SER A 119 -6.64 -5.90 4.37
CA SER A 119 -5.83 -7.11 4.39
C SER A 119 -6.52 -8.25 3.62
N GLN A 120 -7.84 -8.31 3.72
CA GLN A 120 -8.60 -9.34 3.01
C GLN A 120 -8.46 -9.09 1.51
N LEU A 121 -8.63 -7.84 1.10
CA LEU A 121 -8.51 -7.48 -0.31
C LEU A 121 -7.10 -7.82 -0.79
N PHE A 122 -6.11 -7.53 0.04
CA PHE A 122 -4.73 -7.82 -0.30
C PHE A 122 -4.60 -9.32 -0.59
N GLN A 123 -5.22 -10.14 0.25
CA GLN A 123 -5.15 -11.58 0.07
C GLN A 123 -5.95 -12.03 -1.15
N ILE A 124 -6.98 -11.29 -1.50
CA ILE A 124 -7.76 -11.63 -2.68
C ILE A 124 -6.91 -11.39 -3.92
N VAL A 125 -6.21 -10.26 -3.97
CA VAL A 125 -5.38 -9.99 -5.12
C VAL A 125 -4.31 -11.07 -5.26
N LYS A 126 -3.80 -11.53 -4.11
CA LYS A 126 -2.79 -12.58 -4.11
C LYS A 126 -3.40 -13.85 -4.70
N GLY A 127 -4.67 -14.09 -4.39
CA GLY A 127 -5.32 -15.27 -4.92
C GLY A 127 -5.49 -15.14 -6.43
N ILE A 128 -5.80 -13.94 -6.88
CA ILE A 128 -5.97 -13.69 -8.29
C ILE A 128 -4.65 -13.99 -9.02
N GLU A 129 -3.56 -13.44 -8.50
CA GLU A 129 -2.25 -13.64 -9.10
C GLU A 129 -1.87 -15.12 -9.14
N GLU A 130 -1.95 -15.79 -7.99
CA GLU A 130 -1.61 -17.21 -7.88
C GLU A 130 -2.39 -18.10 -8.83
N PHE A 131 -3.70 -17.87 -8.95
CA PHE A 131 -4.52 -18.69 -9.83
C PHE A 131 -4.37 -18.41 -11.31
N TRP A 132 -4.43 -17.14 -11.69
CA TRP A 132 -4.33 -16.78 -13.10
C TRP A 132 -2.92 -16.73 -13.67
N LEU A 133 -1.95 -16.30 -12.87
CA LEU A 133 -0.58 -16.19 -13.36
C LEU A 133 0.28 -17.39 -13.05
N SER A 134 -0.27 -18.37 -12.34
CA SER A 134 0.49 -19.56 -12.01
C SER A 134 -0.24 -20.87 -12.34
N THR A 135 -1.42 -21.07 -11.74
CA THR A 135 -2.18 -22.30 -11.96
C THR A 135 -2.77 -22.44 -13.37
N ALA A 136 -3.40 -21.37 -13.85
CA ALA A 136 -4.00 -21.41 -15.17
C ALA A 136 -2.98 -21.33 -16.29
N THR A 137 -3.39 -21.76 -17.48
CA THR A 137 -2.54 -21.67 -18.66
C THR A 137 -3.22 -20.59 -19.49
N LEU A 138 -2.56 -19.45 -19.64
CA LEU A 138 -3.09 -18.32 -20.38
C LEU A 138 -2.90 -18.46 -21.88
N PRO A 139 -3.75 -17.81 -22.69
CA PRO A 139 -3.62 -17.90 -24.15
C PRO A 139 -2.36 -17.24 -24.68
N SER A 140 -1.86 -17.75 -25.80
CA SER A 140 -0.64 -17.24 -26.44
C SER A 140 0.55 -17.35 -25.49
N ALA B 1 21.75 0.70 1.36
CA ALA B 1 21.58 -0.07 2.64
C ALA B 1 21.30 0.87 3.81
N HIS B 2 21.14 2.16 3.53
CA HIS B 2 20.87 3.11 4.60
C HIS B 2 19.46 2.85 5.11
N LYS B 3 19.23 3.21 6.37
CA LYS B 3 17.92 3.00 6.98
C LYS B 3 17.10 4.28 6.96
N LYS B 4 15.79 4.15 6.82
CA LYS B 4 14.91 5.30 6.81
C LYS B 4 14.01 5.25 8.04
N ILE B 5 14.10 6.27 8.89
CA ILE B 5 13.28 6.34 10.10
C ILE B 5 12.23 7.44 9.94
N PHE B 6 10.98 7.11 10.25
CA PHE B 6 9.88 8.06 10.14
C PHE B 6 9.42 8.45 11.55
N LEU B 7 9.62 9.73 11.88
CA LEU B 7 9.23 10.24 13.19
C LEU B 7 7.96 11.07 13.17
N VAL B 8 6.97 10.62 13.93
CA VAL B 8 5.69 11.32 14.05
C VAL B 8 5.71 11.92 15.45
N GLU B 9 6.07 13.20 15.52
CA GLU B 9 6.19 13.92 16.79
C GLU B 9 5.92 15.41 16.61
N ASP B 10 5.26 16.03 17.58
CA ASP B 10 4.96 17.46 17.50
C ASP B 10 5.77 18.30 18.48
N ASN B 11 6.44 17.65 19.43
CA ASN B 11 7.23 18.37 20.42
C ASN B 11 8.60 18.71 19.84
N LYS B 12 8.69 19.88 19.21
CA LYS B 12 9.92 20.36 18.57
C LYS B 12 11.19 20.05 19.36
N ALA B 13 11.08 20.07 20.69
CA ALA B 13 12.23 19.79 21.55
C ALA B 13 12.64 18.33 21.40
N ASP B 14 11.66 17.43 21.41
CA ASP B 14 11.95 16.01 21.28
C ASP B 14 12.42 15.71 19.88
N ILE B 15 11.84 16.39 18.90
CA ILE B 15 12.22 16.19 17.52
C ILE B 15 13.71 16.48 17.37
N ARG B 16 14.15 17.60 17.92
CA ARG B 16 15.55 17.99 17.85
C ARG B 16 16.45 16.94 18.46
N LEU B 17 16.08 16.47 19.66
CA LEU B 17 16.86 15.46 20.37
C LEU B 17 16.98 14.14 19.59
N ILE B 18 15.83 13.59 19.19
CA ILE B 18 15.80 12.34 18.45
C ILE B 18 16.65 12.45 17.19
N GLN B 19 16.44 13.50 16.42
CA GLN B 19 17.20 13.74 15.20
C GLN B 19 18.70 13.61 15.46
N GLU B 20 19.16 14.24 16.54
CA GLU B 20 20.57 14.21 16.90
C GLU B 20 21.05 12.81 17.29
N ALA B 21 20.21 12.09 18.04
CA ALA B 21 20.57 10.75 18.49
C ALA B 21 20.73 9.79 17.32
N LEU B 22 20.17 10.16 16.17
CA LEU B 22 20.24 9.31 14.98
C LEU B 22 21.23 9.83 13.92
N ALA B 23 22.01 10.84 14.28
CA ALA B 23 22.98 11.41 13.34
C ALA B 23 24.26 10.61 13.30
N ASN B 24 24.52 9.87 14.37
CA ASN B 24 25.72 9.04 14.45
C ASN B 24 25.43 7.67 13.84
N SER B 25 25.95 7.45 12.63
CA SER B 25 25.73 6.18 11.93
C SER B 25 26.69 6.05 10.73
N THR B 26 27.57 5.06 10.78
CA THR B 26 28.52 4.85 9.69
C THR B 26 27.80 4.97 8.34
N VAL B 27 26.65 4.33 8.23
CA VAL B 27 25.83 4.40 7.02
C VAL B 27 24.71 5.34 7.41
N PRO B 28 24.85 6.64 7.09
CA PRO B 28 23.86 7.67 7.41
C PRO B 28 22.39 7.27 7.28
N HIS B 29 21.64 7.41 8.38
CA HIS B 29 20.22 7.10 8.39
C HIS B 29 19.50 8.24 7.70
N GLU B 30 18.29 7.96 7.20
CA GLU B 30 17.47 8.97 6.57
C GLU B 30 16.31 9.21 7.52
N VAL B 31 16.36 10.31 8.25
CA VAL B 31 15.31 10.64 9.20
C VAL B 31 14.31 11.65 8.62
N VAL B 32 13.03 11.28 8.65
CA VAL B 32 11.96 12.16 8.15
C VAL B 32 10.97 12.37 9.28
N THR B 33 10.54 13.61 9.45
CA THR B 33 9.61 13.94 10.52
C THR B 33 8.36 14.66 10.08
N VAL B 34 7.25 14.35 10.76
CA VAL B 34 5.97 15.00 10.51
C VAL B 34 5.42 15.31 11.90
N ARG B 35 4.68 16.41 12.02
CA ARG B 35 4.14 16.84 13.30
C ARG B 35 2.72 16.44 13.66
N ASP B 36 2.02 15.72 12.79
CA ASP B 36 0.67 15.32 13.13
C ASP B 36 0.19 14.06 12.43
N GLY B 37 -0.76 13.39 13.06
CA GLY B 37 -1.30 12.16 12.53
C GLY B 37 -1.82 12.16 11.11
N MET B 38 -2.41 13.28 10.70
CA MET B 38 -2.94 13.40 9.33
C MET B 38 -1.80 13.34 8.34
N GLU B 39 -0.76 14.12 8.61
CA GLU B 39 0.42 14.18 7.76
C GLU B 39 1.12 12.82 7.75
N ALA B 40 1.06 12.13 8.88
CA ALA B 40 1.70 10.83 8.99
C ALA B 40 1.07 9.79 8.08
N MET B 41 -0.25 9.71 8.10
CA MET B 41 -0.94 8.73 7.27
C MET B 41 -0.85 9.07 5.79
N ALA B 42 -0.92 10.36 5.47
CA ALA B 42 -0.82 10.78 4.07
C ALA B 42 0.55 10.38 3.54
N TYR B 43 1.59 10.56 4.36
CA TYR B 43 2.95 10.21 3.95
C TYR B 43 3.11 8.71 3.79
N LEU B 44 2.69 7.97 4.81
CA LEU B 44 2.81 6.51 4.77
C LEU B 44 2.00 5.88 3.63
N ARG B 45 0.81 6.40 3.35
CA ARG B 45 -0.02 5.85 2.26
C ARG B 45 0.35 6.46 0.90
N GLN B 46 1.46 7.22 0.87
CA GLN B 46 1.95 7.86 -0.35
C GLN B 46 0.87 8.62 -1.12
N GLU B 47 0.10 9.42 -0.39
CA GLU B 47 -0.97 10.21 -0.97
C GLU B 47 -0.51 11.58 -1.44
N GLY B 48 -1.01 11.99 -2.60
CA GLY B 48 -0.67 13.28 -3.15
C GLY B 48 0.81 13.57 -3.31
N GLU B 49 1.25 14.64 -2.68
CA GLU B 49 2.64 15.08 -2.76
C GLU B 49 3.65 14.04 -2.26
N TYR B 50 3.16 13.02 -1.57
CA TYR B 50 4.02 11.96 -1.03
C TYR B 50 3.94 10.70 -1.88
N ALA B 51 3.31 10.82 -3.04
CA ALA B 51 3.15 9.70 -3.96
C ALA B 51 4.45 8.94 -4.22
N ASN B 52 5.59 9.62 -4.11
CA ASN B 52 6.87 8.97 -4.36
C ASN B 52 7.80 8.88 -3.15
N ALA B 53 7.25 9.03 -1.95
CA ALA B 53 8.08 8.93 -0.75
C ALA B 53 8.26 7.46 -0.43
N SER B 54 9.51 7.02 -0.28
CA SER B 54 9.79 5.62 0.02
C SER B 54 9.29 5.24 1.41
N ARG B 55 9.05 3.94 1.59
CA ARG B 55 8.55 3.41 2.85
C ARG B 55 9.65 3.38 3.91
N PRO B 56 9.34 3.86 5.13
CA PRO B 56 10.41 3.83 6.15
C PRO B 56 10.69 2.40 6.60
N ASP B 57 11.82 2.21 7.27
CA ASP B 57 12.19 0.89 7.77
C ASP B 57 11.81 0.80 9.26
N LEU B 58 11.53 1.96 9.85
CA LEU B 58 11.17 2.05 11.26
C LEU B 58 10.34 3.30 11.49
N ILE B 59 9.32 3.18 12.33
CA ILE B 59 8.46 4.30 12.64
C ILE B 59 8.51 4.54 14.14
N LEU B 60 8.69 5.80 14.53
CA LEU B 60 8.71 6.19 15.93
C LEU B 60 7.46 7.07 16.05
N LEU B 61 6.54 6.68 16.91
CA LEU B 61 5.26 7.37 17.02
C LEU B 61 4.85 7.95 18.38
N LEU B 63 2.06 9.67 20.90
CA LEU B 63 0.63 9.43 21.07
C LEU B 63 -0.26 10.66 21.04
N ASN B 64 0.12 11.69 21.79
CA ASN B 64 -0.66 12.90 21.88
C ASN B 64 -0.34 13.90 20.76
N LEU B 65 -0.68 13.53 19.53
CA LEU B 65 -0.41 14.36 18.36
C LEU B 65 -1.55 15.30 18.02
N PRO B 66 -1.22 16.41 17.33
CA PRO B 66 -2.23 17.38 16.93
C PRO B 66 -3.08 16.81 15.80
N LYS B 67 -4.34 17.26 15.75
CA LYS B 67 -5.31 16.87 14.72
C LYS B 67 -5.58 15.39 14.41
N LYS B 68 -4.90 14.50 15.12
CA LYS B 68 -5.10 13.05 14.92
C LYS B 68 -4.07 12.36 15.81
N ASP B 69 -4.53 11.70 16.86
CA ASP B 69 -3.60 11.07 17.78
C ASP B 69 -2.93 9.79 17.30
N GLY B 70 -1.82 9.47 17.95
CA GLY B 70 -1.04 8.29 17.62
C GLY B 70 -1.85 7.01 17.70
N ARG B 71 -2.86 7.00 18.54
CA ARG B 71 -3.73 5.83 18.70
C ARG B 71 -4.34 5.47 17.34
N GLU B 72 -4.93 6.47 16.68
CA GLU B 72 -5.57 6.28 15.38
C GLU B 72 -4.52 5.97 14.32
N VAL B 73 -3.40 6.66 14.42
CA VAL B 73 -2.30 6.44 13.49
C VAL B 73 -1.87 4.98 13.58
N LEU B 74 -1.67 4.50 14.80
CA LEU B 74 -1.25 3.13 15.03
C LEU B 74 -2.22 2.14 14.41
N ALA B 75 -3.50 2.32 14.71
CA ALA B 75 -4.53 1.42 14.19
C ALA B 75 -4.53 1.39 12.68
N GLU B 76 -4.46 2.56 12.06
CA GLU B 76 -4.48 2.61 10.60
C GLU B 76 -3.22 2.00 9.99
N ILE B 77 -2.09 2.15 10.67
CA ILE B 77 -0.85 1.58 10.17
C ILE B 77 -0.89 0.06 10.24
N LYS B 78 -1.29 -0.47 11.39
CA LYS B 78 -1.32 -1.91 11.60
C LYS B 78 -2.44 -2.64 10.88
N SER B 79 -3.35 -1.89 10.27
CA SER B 79 -4.45 -2.49 9.52
C SER B 79 -4.16 -2.50 8.04
N ASP B 80 -3.19 -1.68 7.63
CA ASP B 80 -2.82 -1.60 6.22
C ASP B 80 -1.86 -2.71 5.82
N PRO B 81 -2.26 -3.55 4.85
CA PRO B 81 -1.45 -4.68 4.36
C PRO B 81 -0.09 -4.32 3.79
N THR B 82 0.14 -3.05 3.51
CA THR B 82 1.41 -2.62 2.97
C THR B 82 2.28 -1.91 4.01
N LEU B 83 1.68 -1.54 5.14
CA LEU B 83 2.42 -0.85 6.19
C LEU B 83 2.52 -1.63 7.51
N LYS B 84 1.61 -2.56 7.71
CA LYS B 84 1.56 -3.34 8.95
C LYS B 84 2.83 -4.07 9.35
N ARG B 85 3.76 -4.25 8.43
CA ARG B 85 4.99 -4.95 8.74
C ARG B 85 6.12 -4.04 9.21
N ILE B 86 5.96 -2.74 8.99
CA ILE B 86 6.98 -1.78 9.42
C ILE B 86 6.96 -1.72 10.94
N PRO B 87 8.11 -1.94 11.59
CA PRO B 87 8.09 -1.88 13.05
C PRO B 87 7.70 -0.48 13.53
N VAL B 88 6.80 -0.43 14.52
CA VAL B 88 6.37 0.84 15.08
C VAL B 88 6.74 0.87 16.55
N VAL B 89 7.51 1.88 16.91
CA VAL B 89 7.93 2.07 18.29
C VAL B 89 7.16 3.27 18.80
N VAL B 90 6.25 3.05 19.76
CA VAL B 90 5.55 4.18 20.33
C VAL B 90 6.53 4.75 21.33
N LEU B 91 6.83 6.03 21.18
CA LEU B 91 7.74 6.73 22.07
C LEU B 91 6.92 7.93 22.52
N SER B 92 6.41 7.85 23.75
CA SER B 92 5.58 8.91 24.29
C SER B 92 5.89 9.25 25.75
N THR B 93 5.31 10.35 26.23
CA THR B 93 5.51 10.77 27.61
C THR B 93 4.51 10.03 28.49
N SER B 94 3.42 9.57 27.89
CA SER B 94 2.38 8.87 28.63
C SER B 94 2.84 7.60 29.32
N ILE B 95 2.33 7.40 30.54
CA ILE B 95 2.64 6.23 31.35
C ILE B 95 1.27 5.62 31.69
N ASN B 96 0.26 6.16 31.02
CA ASN B 96 -1.12 5.76 31.19
C ASN B 96 -1.33 4.30 30.80
N GLU B 97 -1.76 3.49 31.76
CA GLU B 97 -1.96 2.07 31.50
C GLU B 97 -2.95 1.80 30.37
N ASP B 98 -3.87 2.75 30.16
CA ASP B 98 -4.85 2.62 29.10
C ASP B 98 -4.15 2.69 27.75
N ASP B 99 -3.24 3.64 27.60
CA ASP B 99 -2.49 3.79 26.35
C ASP B 99 -1.63 2.56 26.08
N ILE B 100 -0.98 2.06 27.13
CA ILE B 100 -0.12 0.90 27.01
C ILE B 100 -0.89 -0.30 26.53
N PHE B 101 -2.00 -0.60 27.22
CA PHE B 101 -2.84 -1.73 26.86
C PHE B 101 -3.33 -1.66 25.42
N HIS B 102 -3.91 -0.52 25.06
CA HIS B 102 -4.45 -0.34 23.72
C HIS B 102 -3.38 -0.39 22.64
N SER B 103 -2.23 0.22 22.90
CA SER B 103 -1.15 0.21 21.92
C SER B 103 -0.69 -1.20 21.63
N TYR B 104 -0.52 -2.02 22.66
CA TYR B 104 -0.09 -3.38 22.41
C TYR B 104 -1.22 -4.18 21.78
N ASP B 105 -2.45 -3.86 22.17
CA ASP B 105 -3.61 -4.55 21.62
C ASP B 105 -3.76 -4.28 20.13
N LEU B 106 -3.30 -3.11 19.71
CA LEU B 106 -3.36 -2.70 18.31
C LEU B 106 -2.16 -3.20 17.51
N HIS B 107 -1.31 -4.00 18.15
CA HIS B 107 -0.12 -4.56 17.50
C HIS B 107 1.08 -3.63 17.38
N VAL B 108 1.26 -2.72 18.33
CA VAL B 108 2.44 -1.86 18.27
C VAL B 108 3.57 -2.85 18.55
N ASN B 109 4.74 -2.62 17.97
CA ASN B 109 5.87 -3.51 18.18
C ASN B 109 6.40 -3.36 19.60
N CYS B 110 6.51 -2.12 20.04
CA CYS B 110 6.96 -1.84 21.39
C CYS B 110 6.51 -0.46 21.82
N TYR B 111 6.47 -0.28 23.14
CA TYR B 111 6.04 0.98 23.75
C TYR B 111 7.18 1.47 24.64
N ILE B 112 7.54 2.74 24.49
CA ILE B 112 8.60 3.30 25.30
C ILE B 112 8.15 4.64 25.87
N THR B 113 8.36 4.81 27.17
CA THR B 113 8.00 6.05 27.85
C THR B 113 9.20 6.98 27.75
N LYS B 114 9.01 8.13 27.15
CA LYS B 114 10.11 9.09 27.02
C LYS B 114 10.63 9.42 28.42
N SER B 115 11.92 9.72 28.51
CA SER B 115 12.53 10.08 29.79
C SER B 115 12.61 11.61 29.86
N ALA B 116 12.09 12.17 30.94
CA ALA B 116 12.08 13.62 31.13
C ALA B 116 13.38 14.33 30.75
N ASN B 117 14.47 14.01 31.45
CA ASN B 117 15.77 14.63 31.20
C ASN B 117 16.33 14.32 29.81
N LEU B 118 16.26 15.33 28.94
CA LEU B 118 16.74 15.24 27.56
C LEU B 118 17.96 14.37 27.30
N SER B 119 18.76 14.13 28.32
CA SER B 119 19.95 13.30 28.17
C SER B 119 19.56 11.83 28.18
N GLN B 120 18.82 11.42 29.21
CA GLN B 120 18.39 10.04 29.32
C GLN B 120 17.60 9.66 28.07
N LEU B 121 16.84 10.62 27.54
CA LEU B 121 16.04 10.37 26.33
C LEU B 121 16.98 10.08 25.18
N PHE B 122 18.19 10.63 25.26
CA PHE B 122 19.19 10.42 24.22
C PHE B 122 19.61 8.96 24.26
N GLN B 123 19.93 8.46 25.45
CA GLN B 123 20.36 7.09 25.62
C GLN B 123 19.26 6.11 25.25
N ILE B 124 18.01 6.55 25.40
CA ILE B 124 16.87 5.71 25.05
C ILE B 124 16.79 5.61 23.53
N VAL B 125 16.98 6.73 22.85
CA VAL B 125 16.94 6.72 21.40
C VAL B 125 18.09 5.88 20.86
N LYS B 126 19.23 5.94 21.54
CA LYS B 126 20.36 5.15 21.10
C LYS B 126 20.01 3.67 21.27
N GLY B 127 19.25 3.36 22.31
CA GLY B 127 18.86 1.97 22.52
C GLY B 127 17.93 1.51 21.41
N ILE B 128 17.01 2.41 21.04
CA ILE B 128 16.07 2.12 19.95
C ILE B 128 16.87 1.86 18.68
N GLU B 129 17.81 2.77 18.38
CA GLU B 129 18.64 2.65 17.19
C GLU B 129 19.43 1.35 17.12
N GLU B 130 20.16 1.01 18.18
CA GLU B 130 20.94 -0.21 18.14
C GLU B 130 20.09 -1.46 17.99
N PHE B 131 19.06 -1.60 18.83
CA PHE B 131 18.22 -2.79 18.73
C PHE B 131 17.48 -2.93 17.42
N TRP B 132 16.76 -1.90 17.00
CA TRP B 132 15.99 -2.00 15.77
C TRP B 132 16.78 -1.86 14.48
N LEU B 133 17.77 -0.97 14.46
CA LEU B 133 18.50 -0.78 13.21
C LEU B 133 19.78 -1.59 13.10
N SER B 134 20.07 -2.41 14.10
CA SER B 134 21.26 -3.23 14.04
C SER B 134 21.04 -4.68 14.47
N THR B 135 20.47 -4.85 15.65
CA THR B 135 20.23 -6.18 16.17
C THR B 135 19.14 -6.97 15.45
N ALA B 136 17.98 -6.36 15.26
CA ALA B 136 16.86 -7.03 14.61
C ALA B 136 17.04 -7.24 13.12
N THR B 137 16.28 -8.18 12.57
CA THR B 137 16.27 -8.47 11.15
C THR B 137 14.96 -7.86 10.72
N LEU B 138 15.02 -6.78 9.95
CA LEU B 138 13.83 -6.10 9.49
C LEU B 138 13.27 -6.72 8.24
N PRO B 139 11.97 -6.51 7.97
CA PRO B 139 11.31 -7.05 6.79
C PRO B 139 11.89 -6.34 5.56
N SER B 140 12.30 -5.08 5.78
CA SER B 140 12.86 -4.27 4.72
C SER B 140 14.30 -4.71 4.41
#